data_7O6J
#
_entry.id   7O6J
#
_cell.length_a   82.529
_cell.length_b   112.182
_cell.length_c   62.696
_cell.angle_alpha   90.000
_cell.angle_beta   90.000
_cell.angle_gamma   90.000
#
_symmetry.space_group_name_H-M   'C 2 2 21'
#
loop_
_entity.id
_entity.type
_entity.pdbx_description
1 polymer '14-3-3 protein sigma'
2 polymer 'Transcription factor p65'
3 non-polymer '(5-methanoyl-2-nitro-phenyl) 2-(3-methoxyphenyl)ethanoate'
4 non-polymer 'CHLORIDE ION'
5 water water
#
loop_
_entity_poly.entity_id
_entity_poly.type
_entity_poly.pdbx_seq_one_letter_code
_entity_poly.pdbx_strand_id
1 'polypeptide(L)'
;GAMGSMERASLIQKAKLAEQAERYEDMAAFMKGAVEKGEELS(CSO)EERNLLSVAYKNVVGGQRAAWRVLSSIEQKSNE
EGSEEKGPEVREYREKVETELQGVCDTVLGLLDSHLIKEAGDAESRVFYLKMKGDYYRYLAEVATGDDKKRIIDSARSAY
QEAMDISKKEMPPTNPIRLGLALNFSVFHYEIANSPEEAISLAKTTFDEAMADLHTLSEDSYKDSTLIMQLLRDNLTLWT
;
A
2 'polypeptide(L)' EGRSAG(SEP)IPGRRS P
#
loop_
_chem_comp.id
_chem_comp.type
_chem_comp.name
_chem_comp.formula
CL non-polymer 'CHLORIDE ION' 'Cl -1'
V48 non-polymer '(5-methanoyl-2-nitro-phenyl) 2-(3-methoxyphenyl)ethanoate' 'C16 H13 N O6'
#
# COMPACT_ATOMS: atom_id res chain seq x y z
N MET A 3 23.87 1.10 2.96
CA MET A 3 23.63 0.31 4.17
C MET A 3 24.30 -1.05 4.13
N GLY A 4 25.06 -1.36 3.09
CA GLY A 4 25.65 -2.68 2.96
C GLY A 4 26.60 -3.08 4.07
N SER A 5 27.22 -2.13 4.76
N SER A 5 27.20 -2.12 4.79
CA SER A 5 28.14 -2.48 5.84
CA SER A 5 28.13 -2.45 5.86
C SER A 5 27.47 -2.61 7.19
C SER A 5 27.45 -2.64 7.20
N MET A 6 26.17 -2.36 7.32
CA MET A 6 25.51 -2.48 8.60
C MET A 6 24.84 -3.84 8.74
N GLU A 7 24.92 -4.43 9.92
CA GLU A 7 24.25 -5.73 10.17
C GLU A 7 22.75 -5.63 9.95
N ARG A 8 22.16 -6.70 9.42
CA ARG A 8 20.71 -6.77 9.26
C ARG A 8 19.99 -6.42 10.56
N ALA A 9 20.41 -6.98 11.69
CA ALA A 9 19.65 -6.78 12.91
C ALA A 9 19.74 -5.32 13.35
N SER A 10 20.88 -4.70 13.11
CA SER A 10 21.07 -3.28 13.44
C SER A 10 20.22 -2.38 12.55
N LEU A 11 20.05 -2.75 11.26
CA LEU A 11 19.15 -1.98 10.41
C LEU A 11 17.73 -2.06 10.91
N ILE A 12 17.30 -3.25 11.31
N ILE A 12 17.30 -3.22 11.35
CA ILE A 12 15.93 -3.44 11.83
CA ILE A 12 15.91 -3.35 11.82
C ILE A 12 15.73 -2.61 13.10
C ILE A 12 15.71 -2.61 13.13
N GLN A 13 16.69 -2.69 14.03
CA GLN A 13 16.62 -1.88 15.26
C GLN A 13 16.54 -0.39 14.97
N LYS A 14 17.37 0.08 14.04
CA LYS A 14 17.37 1.50 13.68
C LYS A 14 16.08 1.87 12.97
N ALA A 15 15.49 0.97 12.16
CA ALA A 15 14.17 1.31 11.59
C ALA A 15 13.15 1.52 12.70
N LYS A 16 13.19 0.71 13.76
CA LYS A 16 12.22 0.88 14.84
C LYS A 16 12.46 2.19 15.57
N LEU A 17 13.72 2.56 15.76
CA LEU A 17 14.02 3.86 16.39
C LEU A 17 13.60 5.00 15.49
N ALA A 18 13.84 4.89 14.17
CA ALA A 18 13.43 5.96 13.26
C ALA A 18 11.93 6.12 13.27
N GLU A 19 11.16 5.03 13.37
CA GLU A 19 9.71 5.20 13.49
C GLU A 19 9.35 6.01 14.75
N GLN A 20 9.96 5.68 15.89
CA GLN A 20 9.67 6.42 17.14
C GLN A 20 10.03 7.87 17.00
N ALA A 21 11.11 8.18 16.28
CA ALA A 21 11.57 9.55 16.08
C ALA A 21 10.86 10.27 14.95
N GLU A 22 9.93 9.58 14.26
CA GLU A 22 9.21 10.13 13.10
C GLU A 22 10.15 10.53 11.98
N ARG A 23 11.18 9.73 11.75
CA ARG A 23 12.17 9.96 10.72
C ARG A 23 11.92 8.89 9.67
N TYR A 24 10.88 9.13 8.85
CA TYR A 24 10.45 8.07 7.97
C TYR A 24 11.36 7.85 6.77
N GLU A 25 11.99 8.88 6.24
CA GLU A 25 12.98 8.64 5.19
C GLU A 25 14.11 7.76 5.71
N ASP A 26 14.60 8.03 6.92
CA ASP A 26 15.62 7.15 7.49
C ASP A 26 15.07 5.74 7.65
N MET A 27 13.85 5.63 8.14
CA MET A 27 13.26 4.31 8.34
C MET A 27 13.20 3.53 7.04
N ALA A 28 12.79 4.19 5.94
CA ALA A 28 12.73 3.52 4.67
C ALA A 28 14.11 3.11 4.20
N ALA A 29 15.13 3.96 4.40
CA ALA A 29 16.47 3.58 3.99
C ALA A 29 16.98 2.39 4.79
N PHE A 30 16.73 2.34 6.10
CA PHE A 30 17.13 1.19 6.91
C PHE A 30 16.44 -0.07 6.44
N MET A 31 15.12 0.03 6.16
CA MET A 31 14.43 -1.18 5.74
C MET A 31 14.79 -1.61 4.33
N LYS A 32 15.10 -0.68 3.41
CA LYS A 32 15.66 -1.08 2.12
C LYS A 32 16.97 -1.83 2.31
N GLY A 33 17.84 -1.31 3.18
CA GLY A 33 19.07 -2.00 3.47
C GLY A 33 18.81 -3.40 4.01
N ALA A 34 17.82 -3.54 4.90
CA ALA A 34 17.51 -4.87 5.42
C ALA A 34 17.00 -5.80 4.33
N VAL A 35 16.13 -5.33 3.45
CA VAL A 35 15.66 -6.20 2.36
C VAL A 35 16.84 -6.63 1.52
N GLU A 36 17.75 -5.71 1.23
CA GLU A 36 18.85 -6.00 0.33
C GLU A 36 19.86 -6.98 0.94
N LYS A 37 19.72 -7.36 2.20
CA LYS A 37 20.51 -8.47 2.71
C LYS A 37 20.14 -9.79 2.06
N GLY A 38 18.97 -9.89 1.48
CA GLY A 38 18.59 -11.04 0.69
C GLY A 38 17.80 -12.09 1.41
N GLU A 39 17.62 -11.97 2.71
CA GLU A 39 16.78 -12.90 3.48
C GLU A 39 15.32 -12.48 3.45
N GLU A 40 14.43 -13.45 3.57
CA GLU A 40 13.01 -13.16 3.68
C GLU A 40 12.74 -12.31 4.93
N LEU A 41 11.63 -11.58 4.93
CA LEU A 41 11.22 -10.71 6.04
C LEU A 41 10.19 -11.43 6.90
N SER A 42 10.32 -11.26 8.20
CA SER A 42 9.26 -11.71 9.10
C SER A 42 8.02 -10.82 9.02
N CSO A 43 6.93 -11.19 9.72
CA CSO A 43 5.76 -10.39 9.68
CB CSO A 43 4.73 -11.12 10.56
SG CSO A 43 3.16 -10.26 10.71
C CSO A 43 6.01 -8.98 10.21
O CSO A 43 5.62 -7.99 9.60
OD CSO A 43 3.25 -9.13 12.07
N GLU A 44 6.71 -8.87 11.32
CA GLU A 44 6.96 -7.56 11.89
C GLU A 44 7.88 -6.74 10.95
N GLU A 45 8.85 -7.39 10.31
CA GLU A 45 9.73 -6.67 9.39
C GLU A 45 8.96 -6.19 8.16
N ARG A 46 8.03 -6.98 7.64
CA ARG A 46 7.18 -6.53 6.53
C ARG A 46 6.42 -5.30 6.93
N ASN A 47 5.88 -5.29 8.15
CA ASN A 47 5.15 -4.13 8.61
C ASN A 47 6.06 -2.91 8.70
N LEU A 48 7.31 -3.08 9.17
CA LEU A 48 8.20 -1.93 9.20
C LEU A 48 8.48 -1.39 7.81
N LEU A 49 8.71 -2.28 6.85
CA LEU A 49 8.95 -1.83 5.48
C LEU A 49 7.75 -1.03 4.97
N SER A 50 6.54 -1.57 5.17
CA SER A 50 5.37 -0.92 4.63
C SER A 50 5.10 0.41 5.32
N VAL A 51 5.23 0.49 6.63
CA VAL A 51 4.99 1.75 7.34
C VAL A 51 5.97 2.81 6.86
N ALA A 52 7.23 2.43 6.68
CA ALA A 52 8.25 3.42 6.30
C ALA A 52 7.88 4.04 4.96
N TYR A 53 7.65 3.20 3.94
CA TYR A 53 7.39 3.73 2.61
C TYR A 53 6.02 4.38 2.54
N LYS A 54 5.03 3.93 3.32
CA LYS A 54 3.73 4.58 3.26
C LYS A 54 3.84 6.00 3.73
N ASN A 55 4.61 6.25 4.78
CA ASN A 55 4.80 7.60 5.27
C ASN A 55 5.60 8.45 4.30
N VAL A 56 6.64 7.89 3.67
CA VAL A 56 7.41 8.70 2.72
C VAL A 56 6.54 9.06 1.54
N VAL A 57 5.90 8.07 0.92
N VAL A 57 5.94 8.07 0.87
CA VAL A 57 5.11 8.37 -0.26
CA VAL A 57 5.10 8.41 -0.28
C VAL A 57 3.87 9.15 0.11
C VAL A 57 3.90 9.23 0.15
N GLY A 58 3.35 8.99 1.35
CA GLY A 58 2.18 9.77 1.76
C GLY A 58 2.49 11.25 1.82
N GLY A 59 3.69 11.62 2.28
CA GLY A 59 4.02 13.04 2.30
C GLY A 59 4.18 13.57 0.88
N GLN A 60 4.79 12.77 0.00
CA GLN A 60 4.94 13.19 -1.39
C GLN A 60 3.59 13.37 -2.07
N ARG A 61 2.67 12.44 -1.85
CA ARG A 61 1.35 12.52 -2.48
C ARG A 61 0.62 13.75 -1.97
N ALA A 62 0.69 14.04 -0.69
CA ALA A 62 0.01 15.20 -0.17
C ALA A 62 0.60 16.45 -0.80
N ALA A 63 1.93 16.53 -0.95
CA ALA A 63 2.53 17.72 -1.56
C ALA A 63 2.15 17.82 -3.02
N TRP A 64 2.14 16.71 -3.75
CA TRP A 64 1.74 16.71 -5.14
C TRP A 64 0.33 17.22 -5.30
N ARG A 65 -0.57 16.82 -4.41
CA ARG A 65 -1.96 17.27 -4.53
C ARG A 65 -2.07 18.77 -4.27
N VAL A 66 -1.32 19.29 -3.31
CA VAL A 66 -1.33 20.75 -3.06
C VAL A 66 -0.86 21.49 -4.29
N LEU A 67 0.26 21.05 -4.85
CA LEU A 67 0.85 21.71 -6.00
C LEU A 67 -0.02 21.56 -7.24
N SER A 68 -0.60 20.39 -7.43
N SER A 68 -0.62 20.40 -7.45
CA SER A 68 -1.49 20.16 -8.59
CA SER A 68 -1.49 20.25 -8.61
C SER A 68 -2.70 21.07 -8.53
C SER A 68 -2.70 21.15 -8.53
N SER A 69 -3.23 21.31 -7.32
CA SER A 69 -4.37 22.19 -7.16
C SER A 69 -4.00 23.63 -7.49
N ILE A 70 -2.83 24.07 -7.04
CA ILE A 70 -2.40 25.44 -7.34
C ILE A 70 -2.17 25.58 -8.83
N GLU A 71 -1.57 24.58 -9.46
CA GLU A 71 -1.29 24.61 -10.89
C GLU A 71 -2.57 24.69 -11.68
N GLN A 72 -3.59 23.92 -11.28
CA GLN A 72 -4.87 23.93 -12.00
C GLN A 72 -5.60 25.26 -11.84
N LYS A 73 -5.45 25.91 -10.69
CA LYS A 73 -5.97 27.27 -10.54
C LYS A 73 -5.20 28.26 -11.41
N SER A 74 -3.89 28.09 -11.52
CA SER A 74 -3.01 28.96 -12.32
C SER A 74 -3.35 28.91 -13.81
N GLY A 83 4.05 32.12 -14.54
CA GLY A 83 5.33 31.59 -14.97
C GLY A 83 5.37 30.07 -14.82
N PRO A 84 6.51 29.49 -15.16
CA PRO A 84 6.63 28.02 -15.14
C PRO A 84 6.82 27.41 -13.75
N GLU A 85 6.88 28.18 -12.67
CA GLU A 85 7.44 27.67 -11.42
C GLU A 85 6.53 26.63 -10.79
N VAL A 86 5.21 26.84 -10.80
CA VAL A 86 4.36 25.86 -10.14
C VAL A 86 4.44 24.53 -10.87
N ARG A 87 4.37 24.56 -12.21
CA ARG A 87 4.50 23.31 -12.95
C ARG A 87 5.85 22.69 -12.73
N GLU A 88 6.94 23.47 -12.76
CA GLU A 88 8.25 22.89 -12.57
C GLU A 88 8.37 22.22 -11.21
N TYR A 89 7.85 22.87 -10.17
CA TYR A 89 7.98 22.29 -8.83
C TYR A 89 7.04 21.08 -8.66
N ARG A 90 5.83 21.13 -9.22
CA ARG A 90 4.99 19.94 -9.21
C ARG A 90 5.70 18.81 -9.92
N GLU A 91 6.37 19.07 -11.03
CA GLU A 91 7.10 18.02 -11.73
C GLU A 91 8.24 17.48 -10.89
N LYS A 92 8.93 18.33 -10.14
CA LYS A 92 10.02 17.86 -9.30
C LYS A 92 9.48 16.87 -8.26
N VAL A 93 8.40 17.25 -7.59
CA VAL A 93 7.79 16.39 -6.58
C VAL A 93 7.28 15.12 -7.22
N GLU A 94 6.69 15.21 -8.39
CA GLU A 94 6.18 14.05 -9.09
C GLU A 94 7.30 13.08 -9.41
N THR A 95 8.45 13.56 -9.87
CA THR A 95 9.55 12.70 -10.21
C THR A 95 10.08 12.02 -8.97
N GLU A 96 10.13 12.74 -7.84
N GLU A 96 10.16 12.74 -7.86
CA GLU A 96 10.63 12.14 -6.60
CA GLU A 96 10.64 12.14 -6.62
C GLU A 96 9.68 11.07 -6.08
C GLU A 96 9.69 11.04 -6.17
N LEU A 97 8.37 11.31 -6.22
CA LEU A 97 7.37 10.30 -5.87
C LEU A 97 7.51 9.08 -6.76
N GLN A 98 7.64 9.26 -8.06
CA GLN A 98 7.80 8.13 -8.95
C GLN A 98 9.05 7.36 -8.61
N GLY A 99 10.12 8.04 -8.21
CA GLY A 99 11.32 7.32 -7.86
C GLY A 99 11.15 6.47 -6.62
N VAL A 100 10.43 6.96 -5.62
CA VAL A 100 10.17 6.14 -4.45
C VAL A 100 9.30 4.92 -4.82
N CYS A 101 8.24 5.13 -5.61
CA CYS A 101 7.44 3.99 -5.99
C CYS A 101 8.24 2.99 -6.79
N ASP A 102 9.09 3.44 -7.70
CA ASP A 102 9.95 2.50 -8.45
C ASP A 102 10.91 1.75 -7.52
N THR A 103 11.41 2.41 -6.48
CA THR A 103 12.29 1.71 -5.53
C THR A 103 11.54 0.60 -4.81
N VAL A 104 10.34 0.89 -4.33
CA VAL A 104 9.54 -0.14 -3.64
C VAL A 104 9.22 -1.27 -4.60
N LEU A 105 8.74 -0.93 -5.81
CA LEU A 105 8.42 -1.97 -6.78
C LEU A 105 9.65 -2.80 -7.08
N GLY A 106 10.82 -2.16 -7.10
CA GLY A 106 12.04 -2.92 -7.41
C GLY A 106 12.41 -3.85 -6.28
N LEU A 107 12.16 -3.47 -5.02
CA LEU A 107 12.39 -4.41 -3.92
C LEU A 107 11.44 -5.60 -4.02
N LEU A 108 10.19 -5.32 -4.35
CA LEU A 108 9.24 -6.42 -4.47
C LEU A 108 9.62 -7.38 -5.58
N ASP A 109 10.13 -6.86 -6.69
CA ASP A 109 10.51 -7.66 -7.84
C ASP A 109 11.89 -8.30 -7.67
N SER A 110 12.72 -7.81 -6.74
CA SER A 110 14.11 -8.29 -6.56
C SER A 110 14.43 -8.35 -5.09
N HIS A 111 13.96 -9.37 -4.36
CA HIS A 111 13.27 -10.57 -4.87
C HIS A 111 12.17 -11.00 -3.91
N LEU A 112 11.48 -10.03 -3.28
CA LEU A 112 10.58 -10.37 -2.17
C LEU A 112 9.40 -11.24 -2.64
N ILE A 113 8.75 -10.89 -3.75
CA ILE A 113 7.58 -11.65 -4.17
C ILE A 113 7.96 -13.07 -4.55
N LYS A 114 9.02 -13.23 -5.33
CA LYS A 114 9.32 -14.58 -5.83
C LYS A 114 9.70 -15.52 -4.72
N GLU A 115 10.22 -15.02 -3.61
N GLU A 115 10.22 -15.00 -3.61
CA GLU A 115 10.55 -15.95 -2.54
CA GLU A 115 10.63 -15.82 -2.48
C GLU A 115 9.41 -16.15 -1.57
C GLU A 115 9.50 -16.00 -1.47
N ALA A 116 8.31 -15.40 -1.70
CA ALA A 116 7.22 -15.45 -0.72
C ALA A 116 6.25 -16.59 -1.06
N GLY A 117 6.27 -17.62 -0.25
CA GLY A 117 5.45 -18.80 -0.51
C GLY A 117 4.27 -18.96 0.42
N ASP A 118 4.34 -18.38 1.59
CA ASP A 118 3.20 -18.46 2.46
C ASP A 118 2.19 -17.41 2.05
N ALA A 119 0.92 -17.72 2.26
CA ALA A 119 -0.10 -16.79 1.83
C ALA A 119 0.03 -15.44 2.49
N GLU A 120 0.37 -15.38 3.78
CA GLU A 120 0.43 -14.10 4.45
C GLU A 120 1.49 -13.21 3.82
N SER A 121 2.64 -13.77 3.48
N SER A 121 2.65 -13.78 3.50
CA SER A 121 3.66 -12.90 2.92
CA SER A 121 3.70 -12.97 2.91
C SER A 121 3.35 -12.58 1.48
C SER A 121 3.35 -12.58 1.49
N ARG A 122 2.92 -13.55 0.68
CA ARG A 122 2.67 -13.30 -0.72
C ARG A 122 1.55 -12.30 -0.93
N VAL A 123 0.46 -12.44 -0.17
CA VAL A 123 -0.63 -11.46 -0.26
C VAL A 123 -0.14 -10.08 0.15
N PHE A 124 0.61 -10.00 1.26
CA PHE A 124 1.11 -8.70 1.70
C PHE A 124 1.91 -8.03 0.59
N TYR A 125 2.83 -8.74 -0.04
CA TYR A 125 3.67 -8.10 -1.04
C TYR A 125 2.91 -7.77 -2.29
N LEU A 126 1.95 -8.60 -2.70
CA LEU A 126 1.16 -8.28 -3.88
C LEU A 126 0.25 -7.08 -3.62
N LYS A 127 -0.32 -6.96 -2.42
CA LYS A 127 -1.05 -5.75 -2.07
C LYS A 127 -0.15 -4.53 -2.17
N MET A 128 1.09 -4.62 -1.64
CA MET A 128 2.01 -3.50 -1.81
C MET A 128 2.26 -3.16 -3.26
N LYS A 129 2.44 -4.18 -4.09
CA LYS A 129 2.67 -3.93 -5.48
C LYS A 129 1.49 -3.18 -6.08
N GLY A 130 0.25 -3.62 -5.78
CA GLY A 130 -0.92 -2.87 -6.26
C GLY A 130 -0.97 -1.44 -5.74
N ASP A 131 -0.64 -1.24 -4.49
CA ASP A 131 -0.65 0.10 -3.88
C ASP A 131 0.33 1.02 -4.58
N TYR A 132 1.58 0.56 -4.84
CA TYR A 132 2.58 1.47 -5.40
C TYR A 132 2.33 1.69 -6.89
N TYR A 133 1.77 0.72 -7.62
CA TYR A 133 1.30 1.07 -8.96
C TYR A 133 0.13 2.04 -8.90
N ARG A 134 -0.75 1.92 -7.90
CA ARG A 134 -1.85 2.85 -7.77
C ARG A 134 -1.33 4.27 -7.54
N TYR A 135 -0.30 4.43 -6.69
CA TYR A 135 0.26 5.78 -6.51
C TYR A 135 0.90 6.28 -7.79
N LEU A 136 1.56 5.41 -8.58
CA LEU A 136 2.02 5.84 -9.91
C LEU A 136 0.84 6.27 -10.78
N ALA A 137 -0.27 5.54 -10.72
CA ALA A 137 -1.42 5.86 -11.57
C ALA A 137 -2.01 7.20 -11.20
N GLU A 138 -1.95 7.61 -9.93
CA GLU A 138 -2.52 8.88 -9.50
C GLU A 138 -1.89 10.04 -10.23
N VAL A 139 -0.62 9.95 -10.64
CA VAL A 139 0.10 11.06 -11.29
C VAL A 139 0.31 10.81 -12.75
N ALA A 140 -0.14 9.69 -13.27
CA ALA A 140 0.12 9.37 -14.67
C ALA A 140 -0.88 10.03 -15.59
N THR A 141 -0.38 10.37 -16.78
CA THR A 141 -1.07 11.09 -17.85
C THR A 141 -0.69 10.62 -19.24
N GLY A 142 0.55 10.19 -19.47
CA GLY A 142 1.03 9.85 -20.80
C GLY A 142 0.51 8.51 -21.32
N ASP A 143 1.25 7.98 -22.28
CA ASP A 143 0.85 6.76 -22.99
C ASP A 143 0.96 5.50 -22.14
N ASP A 144 1.34 5.65 -20.87
CA ASP A 144 1.48 4.52 -19.97
C ASP A 144 0.47 4.55 -18.83
N LYS A 145 -0.40 5.54 -18.76
CA LYS A 145 -1.40 5.53 -17.71
C LYS A 145 -2.22 4.23 -17.72
N LYS A 146 -2.67 3.80 -18.90
N LYS A 146 -2.67 3.80 -18.90
CA LYS A 146 -3.45 2.56 -18.97
CA LYS A 146 -3.45 2.57 -18.98
C LYS A 146 -2.63 1.38 -18.50
C LYS A 146 -2.63 1.39 -18.51
N ARG A 147 -1.34 1.32 -18.87
CA ARG A 147 -0.57 0.14 -18.54
C ARG A 147 -0.29 0.12 -17.02
N ILE A 148 -0.09 1.31 -16.43
CA ILE A 148 0.15 1.40 -15.00
C ILE A 148 -1.10 0.95 -14.24
N ILE A 149 -2.29 1.39 -14.66
CA ILE A 149 -3.52 0.97 -14.06
C ILE A 149 -3.68 -0.53 -14.17
N ASP A 150 -3.35 -1.11 -15.33
CA ASP A 150 -3.53 -2.54 -15.42
C ASP A 150 -2.54 -3.30 -14.52
N SER A 151 -1.34 -2.75 -14.33
CA SER A 151 -0.39 -3.38 -13.44
C SER A 151 -0.91 -3.37 -12.00
N ALA A 152 -1.53 -2.25 -11.57
CA ALA A 152 -2.10 -2.24 -10.21
C ALA A 152 -3.20 -3.28 -10.13
N ARG A 153 -4.09 -3.29 -11.14
N ARG A 153 -4.07 -3.30 -11.13
CA ARG A 153 -5.22 -4.21 -11.08
CA ARG A 153 -5.21 -4.21 -11.10
C ARG A 153 -4.76 -5.65 -11.02
C ARG A 153 -4.75 -5.64 -11.03
N SER A 154 -3.76 -6.01 -11.84
CA SER A 154 -3.29 -7.38 -11.89
C SER A 154 -2.72 -7.81 -10.55
N ALA A 155 -1.93 -6.92 -9.91
CA ALA A 155 -1.34 -7.29 -8.61
C ALA A 155 -2.43 -7.47 -7.54
N TYR A 156 -3.37 -6.52 -7.49
CA TYR A 156 -4.47 -6.65 -6.52
C TYR A 156 -5.29 -7.90 -6.80
N GLN A 157 -5.51 -8.24 -8.06
CA GLN A 157 -6.35 -9.39 -8.36
C GLN A 157 -5.67 -10.68 -7.97
N GLU A 158 -4.35 -10.80 -8.20
N GLU A 158 -4.37 -10.79 -8.24
CA GLU A 158 -3.68 -12.02 -7.77
CA GLU A 158 -3.62 -11.96 -7.77
C GLU A 158 -3.69 -12.13 -6.24
C GLU A 158 -3.75 -12.10 -6.27
N ALA A 159 -3.50 -11.01 -5.54
CA ALA A 159 -3.58 -11.04 -4.07
C ALA A 159 -4.98 -11.43 -3.61
N MET A 160 -6.03 -10.93 -4.27
CA MET A 160 -7.39 -11.28 -3.91
C MET A 160 -7.62 -12.76 -4.10
N ASP A 161 -7.15 -13.29 -5.23
CA ASP A 161 -7.42 -14.71 -5.50
C ASP A 161 -6.75 -15.58 -4.43
N ILE A 162 -5.51 -15.27 -4.01
CA ILE A 162 -4.86 -16.05 -2.97
C ILE A 162 -5.58 -15.86 -1.66
N SER A 163 -5.95 -14.61 -1.32
N SER A 163 -5.97 -14.61 -1.35
CA SER A 163 -6.56 -14.35 -0.02
CA SER A 163 -6.55 -14.30 -0.05
C SER A 163 -7.88 -15.08 0.15
C SER A 163 -7.89 -15.00 0.15
N LYS A 164 -8.66 -15.17 -0.92
CA LYS A 164 -9.97 -15.81 -0.80
C LYS A 164 -9.84 -17.31 -0.58
N LYS A 165 -8.78 -17.92 -1.10
CA LYS A 165 -8.53 -19.34 -0.98
C LYS A 165 -7.83 -19.69 0.34
N GLU A 166 -6.95 -18.80 0.87
CA GLU A 166 -6.04 -19.16 1.93
C GLU A 166 -6.27 -18.47 3.26
N MET A 167 -7.09 -17.42 3.33
CA MET A 167 -7.27 -16.69 4.57
C MET A 167 -8.74 -16.59 4.92
N PRO A 168 -9.06 -16.51 6.20
CA PRO A 168 -10.47 -16.25 6.59
C PRO A 168 -10.86 -14.83 6.23
N PRO A 169 -12.16 -14.59 6.11
CA PRO A 169 -12.62 -13.27 5.68
C PRO A 169 -12.38 -12.18 6.68
N THR A 170 -12.00 -12.48 7.93
CA THR A 170 -11.64 -11.45 8.89
C THR A 170 -10.15 -11.17 8.95
N ASN A 171 -9.32 -11.91 8.19
CA ASN A 171 -7.89 -11.67 8.33
C ASN A 171 -7.55 -10.22 8.00
N PRO A 172 -6.83 -9.50 8.83
CA PRO A 172 -6.61 -8.07 8.57
C PRO A 172 -5.93 -7.76 7.24
N ILE A 173 -5.00 -8.61 6.78
CA ILE A 173 -4.38 -8.36 5.47
C ILE A 173 -5.41 -8.51 4.37
N ARG A 174 -6.23 -9.54 4.44
CA ARG A 174 -7.31 -9.73 3.46
C ARG A 174 -8.27 -8.56 3.46
N LEU A 175 -8.62 -8.05 4.65
CA LEU A 175 -9.49 -6.90 4.74
C LEU A 175 -8.86 -5.64 4.17
N GLY A 176 -7.59 -5.38 4.51
CA GLY A 176 -6.93 -4.18 4.00
C GLY A 176 -6.71 -4.22 2.51
N LEU A 177 -6.41 -5.41 1.98
CA LEU A 177 -6.33 -5.62 0.54
C LEU A 177 -7.65 -5.24 -0.13
N ALA A 178 -8.75 -5.79 0.39
CA ALA A 178 -10.06 -5.49 -0.21
C ALA A 178 -10.38 -4.02 -0.11
N LEU A 179 -10.07 -3.39 1.05
CA LEU A 179 -10.30 -1.96 1.18
C LEU A 179 -9.56 -1.21 0.08
N ASN A 180 -8.25 -1.49 -0.04
CA ASN A 180 -7.44 -0.70 -0.99
C ASN A 180 -7.80 -1.00 -2.44
N PHE A 181 -8.20 -2.26 -2.75
CA PHE A 181 -8.66 -2.56 -4.10
C PHE A 181 -9.95 -1.84 -4.39
N SER A 182 -10.82 -1.74 -3.38
N SER A 182 -10.83 -1.70 -3.38
CA SER A 182 -12.04 -0.98 -3.56
CA SER A 182 -12.07 -0.94 -3.62
C SER A 182 -11.75 0.49 -3.86
C SER A 182 -11.76 0.53 -3.86
N VAL A 183 -10.77 1.09 -3.15
CA VAL A 183 -10.34 2.47 -3.45
C VAL A 183 -9.79 2.57 -4.85
N PHE A 184 -8.97 1.60 -5.27
CA PHE A 184 -8.51 1.56 -6.66
C PHE A 184 -9.71 1.63 -7.62
N HIS A 185 -10.75 0.78 -7.40
CA HIS A 185 -11.86 0.80 -8.34
C HIS A 185 -12.53 2.16 -8.36
N TYR A 186 -12.73 2.78 -7.17
CA TYR A 186 -13.46 4.04 -7.11
C TYR A 186 -12.65 5.19 -7.67
N GLU A 187 -11.37 5.27 -7.31
CA GLU A 187 -10.60 6.50 -7.57
C GLU A 187 -9.78 6.42 -8.83
N ILE A 188 -9.36 5.24 -9.26
CA ILE A 188 -8.42 5.09 -10.38
C ILE A 188 -9.14 4.52 -11.59
N ALA A 189 -9.90 3.42 -11.41
CA ALA A 189 -10.47 2.67 -12.50
C ALA A 189 -11.84 3.20 -12.93
N ASN A 190 -12.34 4.26 -12.30
N ASN A 190 -12.34 4.27 -12.30
CA ASN A 190 -13.64 4.81 -12.68
CA ASN A 190 -13.64 4.83 -12.65
C ASN A 190 -14.74 3.76 -12.60
C ASN A 190 -14.74 3.77 -12.60
N SER A 191 -14.69 2.91 -11.57
CA SER A 191 -15.63 1.78 -11.39
C SER A 191 -16.25 1.91 -10.02
N PRO A 192 -17.01 2.97 -9.74
CA PRO A 192 -17.59 3.12 -8.39
C PRO A 192 -18.52 1.98 -8.00
N GLU A 193 -19.28 1.42 -8.94
CA GLU A 193 -20.16 0.32 -8.54
C GLU A 193 -19.36 -0.90 -8.13
N GLU A 194 -18.24 -1.22 -8.80
CA GLU A 194 -17.38 -2.31 -8.38
C GLU A 194 -16.79 -2.04 -7.00
N ALA A 195 -16.42 -0.78 -6.74
CA ALA A 195 -15.88 -0.39 -5.43
C ALA A 195 -16.89 -0.65 -4.33
N ILE A 196 -18.13 -0.23 -4.56
CA ILE A 196 -19.18 -0.39 -3.57
C ILE A 196 -19.50 -1.86 -3.36
N SER A 197 -19.61 -2.64 -4.44
N SER A 197 -19.62 -2.62 -4.44
CA SER A 197 -19.92 -4.06 -4.31
CA SER A 197 -19.91 -4.04 -4.33
C SER A 197 -18.82 -4.77 -3.53
C SER A 197 -18.83 -4.74 -3.52
N LEU A 198 -17.55 -4.47 -3.85
CA LEU A 198 -16.47 -5.15 -3.15
C LEU A 198 -16.47 -4.75 -1.68
N ALA A 199 -16.65 -3.50 -1.37
CA ALA A 199 -16.64 -3.14 0.05
C ALA A 199 -17.79 -3.77 0.81
N LYS A 200 -18.99 -3.81 0.21
CA LYS A 200 -20.15 -4.41 0.90
C LYS A 200 -19.95 -5.91 1.09
N THR A 201 -19.53 -6.62 0.05
CA THR A 201 -19.35 -8.06 0.19
C THR A 201 -18.26 -8.37 1.22
N THR A 202 -17.18 -7.61 1.19
CA THR A 202 -16.09 -7.83 2.14
C THR A 202 -16.57 -7.60 3.56
N PHE A 203 -17.31 -6.51 3.77
CA PHE A 203 -17.81 -6.21 5.12
C PHE A 203 -18.75 -7.31 5.60
N ASP A 204 -19.66 -7.76 4.75
CA ASP A 204 -20.66 -8.74 5.17
C ASP A 204 -20.01 -10.09 5.45
N GLU A 205 -19.04 -10.48 4.66
CA GLU A 205 -18.42 -11.77 4.92
C GLU A 205 -17.55 -11.71 6.18
N ALA A 206 -16.94 -10.57 6.47
CA ALA A 206 -16.20 -10.45 7.71
C ALA A 206 -17.15 -10.47 8.91
N MET A 207 -18.25 -9.74 8.84
CA MET A 207 -19.18 -9.74 9.95
C MET A 207 -19.59 -11.13 10.34
N ALA A 208 -19.88 -11.97 9.37
CA ALA A 208 -20.33 -13.33 9.62
C ALA A 208 -19.27 -14.25 10.16
N ASP A 209 -17.99 -13.82 10.17
CA ASP A 209 -16.88 -14.60 10.70
C ASP A 209 -16.35 -14.04 12.03
N LEU A 210 -16.86 -12.91 12.51
CA LEU A 210 -16.37 -12.34 13.77
C LEU A 210 -16.54 -13.29 14.96
N HIS A 211 -17.58 -14.12 14.94
CA HIS A 211 -17.85 -15.01 16.08
C HIS A 211 -16.71 -15.96 16.36
N THR A 212 -15.82 -16.18 15.38
CA THR A 212 -14.71 -17.12 15.54
C THR A 212 -13.51 -16.53 16.22
N LEU A 213 -13.47 -15.25 16.48
CA LEU A 213 -12.29 -14.51 16.88
C LEU A 213 -12.20 -14.32 18.39
N SER A 214 -10.95 -14.22 18.85
CA SER A 214 -10.66 -13.71 20.20
C SER A 214 -10.96 -12.23 20.31
N GLU A 215 -10.96 -11.72 21.55
CA GLU A 215 -11.19 -10.30 21.77
C GLU A 215 -10.19 -9.45 21.00
N ASP A 216 -8.90 -9.85 21.00
CA ASP A 216 -7.92 -8.98 20.35
C ASP A 216 -8.02 -9.07 18.83
N SER A 217 -8.30 -10.26 18.30
CA SER A 217 -8.48 -10.38 16.85
C SER A 217 -9.74 -9.64 16.42
N TYR A 218 -10.79 -9.70 17.24
CA TYR A 218 -12.02 -8.95 16.96
C TYR A 218 -11.73 -7.48 16.83
N LYS A 219 -10.90 -6.95 17.74
CA LYS A 219 -10.58 -5.53 17.68
C LYS A 219 -9.82 -5.19 16.40
N ASP A 220 -8.89 -6.05 16.00
CA ASP A 220 -8.11 -5.79 14.78
C ASP A 220 -9.03 -5.81 13.57
N SER A 221 -9.89 -6.83 13.47
CA SER A 221 -10.73 -6.92 12.27
C SER A 221 -11.78 -5.82 12.21
N THR A 222 -12.43 -5.52 13.34
CA THR A 222 -13.48 -4.52 13.31
C THR A 222 -12.90 -3.14 13.03
N LEU A 223 -11.64 -2.90 13.38
CA LEU A 223 -11.08 -1.58 13.04
C LEU A 223 -11.06 -1.37 11.53
N ILE A 224 -10.67 -2.39 10.79
CA ILE A 224 -10.61 -2.28 9.32
C ILE A 224 -12.00 -2.29 8.72
N MET A 225 -12.92 -3.08 9.34
CA MET A 225 -14.29 -3.03 8.84
C MET A 225 -14.88 -1.66 8.93
N GLN A 226 -14.51 -0.90 9.97
CA GLN A 226 -15.04 0.45 10.09
C GLN A 226 -14.55 1.33 8.95
N LEU A 227 -13.32 1.12 8.48
CA LEU A 227 -12.85 1.85 7.31
C LEU A 227 -13.65 1.51 6.06
N LEU A 228 -14.02 0.23 5.87
CA LEU A 228 -14.89 -0.12 4.76
C LEU A 228 -16.21 0.60 4.89
N ARG A 229 -16.78 0.61 6.12
CA ARG A 229 -18.04 1.32 6.35
C ARG A 229 -17.89 2.81 6.09
N ASP A 230 -16.76 3.40 6.48
CA ASP A 230 -16.59 4.84 6.27
C ASP A 230 -16.59 5.17 4.77
N ASN A 231 -15.96 4.31 3.95
CA ASN A 231 -15.99 4.54 2.51
C ASN A 231 -17.38 4.33 1.97
N LEU A 232 -18.05 3.28 2.40
CA LEU A 232 -19.42 3.10 1.90
C LEU A 232 -20.31 4.29 2.27
N THR A 233 -20.11 4.89 3.44
CA THR A 233 -20.87 6.10 3.77
C THR A 233 -20.54 7.24 2.83
N LEU A 234 -19.27 7.43 2.47
CA LEU A 234 -18.99 8.48 1.49
C LEU A 234 -19.53 8.17 0.10
N TRP A 235 -19.62 6.89 -0.29
CA TRP A 235 -19.90 6.54 -1.67
C TRP A 235 -21.38 6.28 -1.94
N THR A 236 -22.19 6.12 -0.89
CA THR A 236 -23.61 5.82 -1.09
C THR A 236 -24.48 6.86 -0.39
N ALA B 5 -11.95 6.98 -1.23
CA ALA B 5 -11.73 7.81 -0.05
C ALA B 5 -10.54 7.33 0.76
N GLY B 6 -10.79 6.61 1.85
CA GLY B 6 -9.72 6.19 2.69
C GLY B 6 -9.17 4.84 2.33
N SEP B 7 -7.90 4.76 1.92
CA SEP B 7 -7.19 3.48 1.96
CB SEP B 7 -6.00 3.53 1.01
OG SEP B 7 -5.16 4.60 1.52
C SEP B 7 -6.72 3.20 3.38
O SEP B 7 -6.91 4.05 4.30
P SEP B 7 -3.98 5.06 0.54
O1P SEP B 7 -3.19 6.09 1.44
O2P SEP B 7 -4.60 5.74 -0.68
O3P SEP B 7 -3.14 3.85 0.20
N ILE B 8 -6.09 2.06 3.63
CA ILE B 8 -5.52 1.74 4.92
C ILE B 8 -4.54 2.86 5.29
N PRO B 9 -4.70 3.53 6.44
CA PRO B 9 -3.72 4.57 6.78
C PRO B 9 -2.30 4.03 6.79
N GLY B 10 -2.06 2.93 7.50
CA GLY B 10 -0.82 2.21 7.29
C GLY B 10 0.45 2.95 7.68
N ARG B 11 0.34 3.99 8.50
CA ARG B 11 1.48 4.85 8.79
C ARG B 11 2.08 4.64 10.19
N ARG B 12 1.66 3.61 10.93
CA ARG B 12 2.14 3.35 12.29
C ARG B 12 2.25 1.84 12.53
N SER B 13 3.44 1.36 12.91
N SER B 13 3.43 1.36 12.93
CA SER B 13 3.66 -0.08 13.07
CA SER B 13 3.63 -0.08 13.04
C SER B 13 2.84 -0.64 14.24
C SER B 13 2.89 -0.64 14.28
C01 V48 C . -1.96 5.46 10.89
C03 V48 C . -1.36 3.15 11.03
C04 V48 C . -0.85 2.02 10.43
C05 V48 C . -1.03 0.75 10.92
C06 V48 C . -0.44 -0.45 10.15
C07 V48 C . -1.50 -1.16 9.31
C09 V48 C . -2.25 -3.05 8.05
C10 V48 C . -3.45 -3.60 8.50
C14 V48 C . -4.35 -4.14 7.58
C15 V48 C . -4.04 -4.16 6.23
C16 V48 C . -2.85 -3.60 5.79
C17 V48 C . -2.51 -3.60 4.31
C18 V48 C . -1.94 -3.06 6.69
C20 V48 C . -1.74 0.58 12.11
C21 V48 C . -2.25 1.71 12.75
C22 V48 C . -2.06 2.99 12.21
N11 V48 C . -3.80 -3.60 9.91
O02 V48 C . -1.14 4.42 10.44
O08 V48 C . -1.32 -2.52 8.96
O12 V48 C . -3.75 -2.39 10.64
O13 V48 C . -4.15 -4.58 10.45
O19 V48 C . -2.48 -0.61 8.96
C01 V48 D . 16.34 14.17 4.95
C03 V48 D . 17.39 15.05 3.08
C04 V48 D . 16.43 16.04 2.72
C05 V48 D . 16.43 16.40 1.36
C06 V48 D . 15.44 17.42 0.86
C07 V48 D . 15.83 18.64 0.02
C09 V48 D . 17.35 19.72 -1.56
C10 V48 D . 18.64 20.07 -2.00
C14 V48 D . 18.80 20.78 -3.17
C15 V48 D . 17.69 21.12 -3.92
C16 V48 D . 16.40 20.82 -3.53
C17 V48 D . 15.15 21.18 -4.34
C18 V48 D . 16.26 20.11 -2.35
C20 V48 D . 17.26 15.81 0.42
C21 V48 D . 18.18 14.86 0.80
C22 V48 D . 18.23 14.48 2.13
N11 V48 D . 19.84 19.72 -1.25
O02 V48 D . 17.54 14.59 4.38
O08 V48 D . 17.16 19.00 -0.36
O12 V48 D . 20.34 18.41 -1.33
O13 V48 D . 20.39 20.54 -0.62
O19 V48 D . 14.92 19.30 -0.24
C01 V48 E . -23.12 10.83 2.58
C03 V48 E . -24.33 8.70 2.50
C04 V48 E . -23.96 7.55 3.23
C05 V48 E . -24.85 6.60 3.72
C06 V48 E . -24.37 5.35 4.55
C07 V48 E . -23.74 4.03 3.99
C09 V48 E . -23.42 1.55 4.33
C10 V48 E . -22.89 0.36 4.90
C14 V48 E . -23.16 -0.89 4.37
C15 V48 E . -23.94 -1.04 3.26
C16 V48 E . -24.48 0.09 2.68
C17 V48 E . -25.33 -0.07 1.43
C18 V48 E . -24.22 1.34 3.21
C20 V48 E . -26.21 6.87 3.49
C21 V48 E . -26.61 8.00 2.77
C22 V48 E . -25.68 8.92 2.26
N11 V48 E . -22.02 0.19 6.06
O02 V48 E . -23.36 9.59 1.98
O08 V48 E . -23.23 2.92 4.78
O12 V48 E . -21.39 -1.05 6.21
O13 V48 E . -21.89 1.06 6.83
O19 V48 E . -23.68 3.99 2.81
CL CL F . 10.04 -18.58 0.91
#